data_7Z44
#
_entry.id   7Z44
#
_cell.length_a   1.00
_cell.length_b   1.00
_cell.length_c   1.00
_cell.angle_alpha   90.00
_cell.angle_beta   90.00
_cell.angle_gamma   90.00
#
_symmetry.space_group_name_H-M   'P 1'
#
_entity_poly.entity_id   1
_entity_poly.type   'polypeptide(L)'
_entity_poly.pdbx_seq_one_letter_code
;MAKQKYSEEVLDELRVDLQRRFNYAQGYVDMAVKGYAREAWEYFYGNLPAPVTAGSSSWVDRTVWESVNGTLQDIINVFC
SGDEAVTFVADNQQDSDAADVATKLVNQILLRDNPGYNIISSAAQECLVTRNSFIKYYWDEQTSTQTEEAEGVPPEALAA
YVQGLEAGGLKNLEVFTEENEDGTVDVKVTYEQTVKRVKVEYVPSEQIFVDEHATSFADAQYFCHRVRRSKEDLVAMGFP
KDEIEAFNDWTDTMDTTQSTVAWSRTDWRQDIDADIGTDTEDIASMVWVYEHYIRTGVLDKNKESKLYQVIQAGEHILHT
EEVTHIPFVTFCPYPIPGSFYGQSVYDITKDIQDLRTALVRGYIDNVNNANYGRYKALVGAYDRRSLLDNRPGGVVEMER
QDAIDLFPYHNLPQGIDGLLGMSEELKETRTGVTKLGMGINPDVFKNDNAYATVGLMMNAAQNRLRMVCRNIAHNGMVEL
MRGIYNLIRENGEVPIEVQTPRGMIQVNPKQLPARHNLQVVVAISPNEKAERAQKLISLKQLIAADAQLAPLFGLEQDRY
MTAQIFELMGIKDTHKYLLPLEQYQPPEPSPMEILQLEMTKAQVENVQASSQKMIADAFDQRERTTFEQQKAADELSLRQ
EELQFKQENAADAMTLENRKEDNNATLEQAKHKLALMQQQVRQYESVLKELQMVMSHQVDQEKIVQQARVQDKTLELQKK
EANVTKKEQQASLKDSRIPGKRLGSKK
;
_entity_poly.pdbx_strand_id   A
#
# COMPACT_ATOMS: atom_id res chain seq x y z
N LYS A 5 -3.35 -29.08 30.64
CA LYS A 5 -3.31 -27.79 31.32
C LYS A 5 -4.65 -27.48 32.00
N TYR A 6 -5.73 -28.07 31.47
CA TYR A 6 -7.07 -27.86 32.00
C TYR A 6 -7.73 -29.21 32.24
N SER A 7 -8.62 -29.25 33.23
CA SER A 7 -9.33 -30.47 33.56
C SER A 7 -10.31 -30.85 32.45
N GLU A 8 -10.60 -32.15 32.37
CA GLU A 8 -11.51 -32.63 31.34
C GLU A 8 -12.89 -32.00 31.47
N GLU A 9 -13.32 -31.71 32.71
CA GLU A 9 -14.60 -31.04 32.90
C GLU A 9 -14.58 -29.66 32.25
N VAL A 10 -13.47 -28.93 32.40
CA VAL A 10 -13.36 -27.61 31.78
C VAL A 10 -13.44 -27.75 30.27
N LEU A 11 -12.76 -28.75 29.71
CA LEU A 11 -12.81 -28.96 28.26
C LEU A 11 -14.24 -29.27 27.81
N ASP A 12 -14.96 -30.11 28.56
CA ASP A 12 -16.32 -30.44 28.18
C ASP A 12 -17.22 -29.21 28.23
N GLU A 13 -17.09 -28.40 29.29
CA GLU A 13 -17.89 -27.19 29.38
C GLU A 13 -17.57 -26.24 28.23
N LEU A 14 -16.29 -26.09 27.91
CA LEU A 14 -15.91 -25.24 26.78
C LEU A 14 -16.48 -25.76 25.47
N ARG A 15 -16.45 -27.08 25.28
CA ARG A 15 -17.02 -27.65 24.06
C ARG A 15 -18.51 -27.36 23.97
N VAL A 16 -19.24 -27.54 25.07
CA VAL A 16 -20.68 -27.31 25.04
C VAL A 16 -20.97 -25.84 24.73
N ASP A 17 -20.29 -24.93 25.42
CA ASP A 17 -20.51 -23.50 25.18
C ASP A 17 -20.18 -23.14 23.75
N LEU A 18 -19.05 -23.62 23.24
CA LEU A 18 -18.63 -23.32 21.89
C LEU A 18 -19.64 -23.87 20.87
N GLN A 19 -20.16 -25.07 21.11
CA GLN A 19 -21.12 -25.66 20.19
C GLN A 19 -22.41 -24.84 20.14
N ARG A 20 -22.92 -24.44 21.31
CA ARG A 20 -24.14 -23.65 21.31
C ARG A 20 -23.92 -22.29 20.65
N ARG A 21 -22.79 -21.65 20.94
CA ARG A 21 -22.50 -20.37 20.31
C ARG A 21 -22.36 -20.51 18.80
N PHE A 22 -21.74 -21.60 18.35
CA PHE A 22 -21.63 -21.85 16.92
C PHE A 22 -23.00 -22.04 16.29
N ASN A 23 -23.88 -22.77 16.96
CA ASN A 23 -25.24 -22.95 16.43
C ASN A 23 -25.94 -21.62 16.28
N TYR A 24 -25.88 -20.79 17.32
CA TYR A 24 -26.54 -19.48 17.26
C TYR A 24 -25.95 -18.61 16.15
N ALA A 25 -24.62 -18.58 16.05
CA ALA A 25 -23.97 -17.76 15.03
C ALA A 25 -24.32 -18.24 13.64
N GLN A 26 -24.33 -19.57 13.43
CA GLN A 26 -24.69 -20.11 12.13
C GLN A 26 -26.11 -19.75 11.76
N GLY A 27 -27.04 -19.88 12.71
CA GLY A 27 -28.42 -19.48 12.43
C GLY A 27 -28.51 -18.03 12.05
N TYR A 28 -27.86 -17.16 12.83
CA TYR A 28 -27.93 -15.73 12.56
C TYR A 28 -27.35 -15.39 11.19
N VAL A 29 -26.18 -15.94 10.87
CA VAL A 29 -25.53 -15.59 9.62
C VAL A 29 -26.32 -16.14 8.43
N ASP A 30 -26.85 -17.36 8.55
CA ASP A 30 -27.68 -17.90 7.48
C ASP A 30 -28.92 -17.03 7.26
N MET A 31 -29.55 -16.57 8.36
CA MET A 31 -30.72 -15.72 8.22
C MET A 31 -30.36 -14.39 7.57
N ALA A 32 -29.20 -13.82 7.91
CA ALA A 32 -28.89 -12.45 7.52
C ALA A 32 -28.15 -12.35 6.19
N VAL A 33 -26.97 -12.96 6.10
CA VAL A 33 -26.05 -12.67 5.00
C VAL A 33 -26.17 -13.70 3.88
N LYS A 34 -25.89 -14.97 4.20
CA LYS A 34 -25.75 -15.98 3.14
C LYS A 34 -27.01 -16.10 2.29
N GLY A 35 -28.18 -15.93 2.90
CA GLY A 35 -29.42 -16.02 2.13
C GLY A 35 -29.44 -15.02 0.98
N TYR A 36 -29.07 -13.77 1.26
CA TYR A 36 -29.01 -12.76 0.21
C TYR A 36 -27.79 -12.97 -0.68
N ALA A 37 -26.70 -13.47 -0.13
CA ALA A 37 -25.47 -13.64 -0.90
C ALA A 37 -25.66 -14.66 -2.02
N ARG A 38 -26.38 -15.74 -1.74
CA ARG A 38 -26.59 -16.76 -2.76
C ARG A 38 -27.34 -16.18 -3.96
N GLU A 39 -28.44 -15.47 -3.70
CA GLU A 39 -29.19 -14.86 -4.80
C GLU A 39 -28.39 -13.75 -5.47
N ALA A 40 -27.55 -13.04 -4.72
CA ALA A 40 -26.69 -12.04 -5.34
C ALA A 40 -25.73 -12.68 -6.33
N TRP A 41 -25.12 -13.79 -5.94
CA TRP A 41 -24.23 -14.50 -6.86
C TRP A 41 -25.01 -15.00 -8.07
N GLU A 42 -26.21 -15.53 -7.86
CA GLU A 42 -27.01 -16.00 -8.97
C GLU A 42 -27.32 -14.88 -9.95
N TYR A 43 -27.68 -13.70 -9.42
CA TYR A 43 -27.93 -12.55 -10.29
C TYR A 43 -26.66 -12.09 -10.99
N PHE A 44 -25.51 -12.23 -10.33
CA PHE A 44 -24.25 -11.78 -10.92
C PHE A 44 -24.04 -12.40 -12.31
N TYR A 45 -24.37 -13.69 -12.44
CA TYR A 45 -24.26 -14.38 -13.72
C TYR A 45 -25.56 -14.37 -14.50
N GLY A 46 -26.60 -13.72 -13.99
CA GLY A 46 -27.87 -13.66 -14.71
C GLY A 46 -28.54 -15.00 -14.87
N ASN A 47 -28.56 -15.81 -13.81
CA ASN A 47 -29.16 -17.13 -13.86
C ASN A 47 -30.44 -17.26 -13.03
N LEU A 48 -30.69 -16.34 -12.11
CA LEU A 48 -31.85 -16.46 -11.23
C LEU A 48 -33.13 -16.11 -11.98
N PRO A 49 -33.24 -14.94 -12.62
CA PRO A 49 -34.48 -14.61 -13.31
C PRO A 49 -34.70 -15.45 -14.56
N ALA A 50 -35.06 -16.71 -14.37
CA ALA A 50 -35.22 -17.61 -15.49
C ALA A 50 -36.47 -17.25 -16.30
N PRO A 51 -36.52 -17.66 -17.57
CA PRO A 51 -37.69 -17.32 -18.39
C PRO A 51 -38.97 -17.90 -17.80
N VAL A 52 -40.05 -17.12 -17.88
CA VAL A 52 -41.34 -17.59 -17.40
C VAL A 52 -41.88 -18.69 -18.32
N THR A 53 -41.71 -18.53 -19.62
CA THR A 53 -42.20 -19.49 -20.59
C THR A 53 -41.25 -19.54 -21.79
N ALA A 54 -41.32 -20.64 -22.53
CA ALA A 54 -40.44 -20.80 -23.68
C ALA A 54 -40.69 -19.72 -24.72
N GLY A 55 -41.96 -19.39 -24.97
CA GLY A 55 -42.27 -18.39 -25.98
C GLY A 55 -41.70 -17.03 -25.66
N SER A 56 -41.68 -16.67 -24.37
CA SER A 56 -41.20 -15.34 -23.99
C SER A 56 -39.74 -15.15 -24.38
N SER A 57 -38.90 -16.16 -24.16
CA SER A 57 -37.48 -16.09 -24.43
C SER A 57 -36.86 -14.87 -23.74
N SER A 58 -36.95 -14.87 -22.41
CA SER A 58 -36.45 -13.75 -21.64
C SER A 58 -34.95 -13.58 -21.84
N TRP A 59 -34.53 -12.34 -22.03
CA TRP A 59 -33.12 -12.00 -22.20
C TRP A 59 -32.66 -11.30 -20.92
N VAL A 60 -31.92 -12.04 -20.10
CA VAL A 60 -31.47 -11.49 -18.82
C VAL A 60 -30.48 -10.35 -19.07
N ASP A 61 -30.70 -9.22 -18.41
CA ASP A 61 -29.84 -8.06 -18.56
C ASP A 61 -28.74 -8.12 -17.50
N ARG A 62 -27.48 -8.14 -17.95
CA ARG A 62 -26.34 -8.23 -17.06
C ARG A 62 -26.01 -6.81 -16.57
N THR A 63 -26.82 -6.34 -15.61
CA THR A 63 -26.61 -5.03 -15.03
C THR A 63 -25.75 -5.07 -13.77
N VAL A 64 -26.00 -6.05 -12.90
CA VAL A 64 -25.18 -6.17 -11.69
C VAL A 64 -23.73 -6.44 -12.06
N TRP A 65 -23.50 -7.35 -13.01
CA TRP A 65 -22.14 -7.67 -13.41
C TRP A 65 -21.42 -6.44 -13.95
N GLU A 66 -22.10 -5.65 -14.78
CA GLU A 66 -21.47 -4.49 -15.39
C GLU A 66 -21.06 -3.48 -14.32
N SER A 67 -21.96 -3.18 -13.38
CA SER A 67 -21.63 -2.23 -12.32
C SER A 67 -20.51 -2.76 -11.43
N VAL A 68 -20.57 -4.06 -11.11
CA VAL A 68 -19.54 -4.64 -10.24
C VAL A 68 -18.17 -4.53 -10.90
N ASN A 69 -18.09 -4.86 -12.19
CA ASN A 69 -16.81 -4.76 -12.89
C ASN A 69 -16.36 -3.31 -13.00
N GLY A 70 -17.29 -2.39 -13.27
CA GLY A 70 -16.92 -0.99 -13.39
C GLY A 70 -16.36 -0.42 -12.10
N THR A 71 -16.92 -0.85 -10.97
CA THR A 71 -16.38 -0.41 -9.68
C THR A 71 -15.07 -1.11 -9.36
N LEU A 72 -14.96 -2.40 -9.67
CA LEU A 72 -13.78 -3.17 -9.30
C LEU A 72 -12.57 -2.71 -10.09
N GLN A 73 -12.74 -2.34 -11.36
CA GLN A 73 -11.60 -1.86 -12.14
C GLN A 73 -11.00 -0.61 -11.50
N ASP A 74 -11.85 0.33 -11.08
CA ASP A 74 -11.34 1.51 -10.40
C ASP A 74 -10.72 1.16 -9.06
N ILE A 75 -11.33 0.23 -8.33
CA ILE A 75 -10.80 -0.16 -7.03
C ILE A 75 -9.38 -0.69 -7.18
N ILE A 76 -9.17 -1.59 -8.15
CA ILE A 76 -7.83 -2.14 -8.36
C ILE A 76 -6.89 -1.06 -8.89
N ASN A 77 -7.39 -0.17 -9.74
CA ASN A 77 -6.57 0.91 -10.25
C ASN A 77 -6.12 1.88 -9.16
N VAL A 78 -6.84 1.93 -8.05
CA VAL A 78 -6.46 2.83 -6.96
C VAL A 78 -5.48 2.16 -5.98
N PHE A 79 -5.71 0.88 -5.66
CA PHE A 79 -4.90 0.21 -4.65
C PHE A 79 -3.71 -0.52 -5.27
N CYS A 80 -3.97 -1.47 -6.17
CA CYS A 80 -2.91 -2.32 -6.70
C CYS A 80 -2.11 -1.66 -7.81
N SER A 81 -2.54 -0.50 -8.31
CA SER A 81 -1.80 0.15 -9.39
C SER A 81 -0.39 0.52 -8.95
N GLY A 82 -0.24 1.02 -7.73
CA GLY A 82 1.08 1.40 -7.25
C GLY A 82 1.99 0.21 -7.11
N ASP A 83 3.29 0.47 -7.30
CA ASP A 83 4.28 -0.60 -7.17
C ASP A 83 4.32 -1.15 -5.75
N GLU A 84 4.23 -0.27 -4.76
CA GLU A 84 4.24 -0.66 -3.36
C GLU A 84 2.86 -0.42 -2.74
N ALA A 85 2.47 -1.30 -1.82
CA ALA A 85 1.16 -1.20 -1.21
C ALA A 85 1.07 0.00 -0.28
N VAL A 86 1.91 0.04 0.76
CA VAL A 86 1.93 1.13 1.72
C VAL A 86 3.36 1.46 2.08
N THR A 87 3.53 2.62 2.72
CA THR A 87 4.84 3.09 3.16
C THR A 87 4.66 3.82 4.49
N PHE A 88 4.97 3.15 5.59
CA PHE A 88 4.87 3.77 6.89
C PHE A 88 5.77 4.99 6.98
N VAL A 89 5.25 6.06 7.57
CA VAL A 89 5.98 7.31 7.75
C VAL A 89 6.00 7.62 9.24
N ALA A 90 7.20 7.71 9.81
CA ALA A 90 7.34 7.99 11.23
C ALA A 90 7.05 9.45 11.52
N ASP A 91 6.43 9.72 12.66
CA ASP A 91 6.13 11.08 13.08
C ASP A 91 7.31 11.77 13.75
N ASN A 92 8.38 11.03 14.08
CA ASN A 92 9.56 11.58 14.72
C ASN A 92 10.80 11.12 13.97
N GLN A 93 11.80 11.99 13.90
CA GLN A 93 13.04 11.65 13.22
C GLN A 93 13.81 10.55 13.93
N GLN A 94 13.56 10.35 15.23
CA GLN A 94 14.29 9.32 15.97
C GLN A 94 14.04 7.94 15.40
N ASP A 95 12.78 7.64 15.06
CA ASP A 95 12.40 6.33 14.54
C ASP A 95 12.15 6.35 13.03
N SER A 96 12.66 7.37 12.33
CA SER A 96 12.47 7.44 10.89
C SER A 96 13.12 6.25 10.20
N ASP A 97 14.32 5.87 10.64
CA ASP A 97 15.02 4.76 10.01
C ASP A 97 14.24 3.46 10.15
N ALA A 98 13.65 3.22 11.33
CA ALA A 98 12.90 1.99 11.54
C ALA A 98 11.68 1.92 10.63
N ALA A 99 11.10 3.07 10.28
CA ALA A 99 9.91 3.08 9.43
C ALA A 99 10.21 2.46 8.07
N ASP A 100 11.37 2.80 7.48
CA ASP A 100 11.71 2.27 6.17
C ASP A 100 11.85 0.76 6.21
N VAL A 101 12.48 0.23 7.25
CA VAL A 101 12.65 -1.22 7.35
C VAL A 101 11.30 -1.92 7.44
N ALA A 102 10.40 -1.37 8.26
CA ALA A 102 9.07 -1.96 8.40
C ALA A 102 8.32 -1.90 7.07
N THR A 103 8.42 -0.77 6.36
CA THR A 103 7.78 -0.64 5.06
C THR A 103 8.29 -1.71 4.09
N LYS A 104 9.61 -1.86 4.01
CA LYS A 104 10.18 -2.86 3.10
C LYS A 104 9.72 -4.26 3.49
N LEU A 105 9.73 -4.57 4.79
CA LEU A 105 9.34 -5.90 5.23
C LEU A 105 7.88 -6.19 4.88
N VAL A 106 6.99 -5.25 5.16
CA VAL A 106 5.57 -5.49 4.89
C VAL A 106 5.33 -5.61 3.39
N ASN A 107 5.98 -4.76 2.59
CA ASN A 107 5.81 -4.85 1.14
C ASN A 107 6.30 -6.19 0.61
N GLN A 108 7.47 -6.65 1.08
CA GLN A 108 7.98 -7.93 0.63
C GLN A 108 7.06 -9.07 1.05
N ILE A 109 6.53 -9.00 2.28
CA ILE A 109 5.66 -10.06 2.76
C ILE A 109 4.37 -10.11 1.93
N LEU A 110 3.79 -8.94 1.63
CA LEU A 110 2.48 -8.92 1.00
C LEU A 110 2.59 -9.09 -0.52
N LEU A 111 3.27 -8.17 -1.20
CA LEU A 111 3.24 -8.17 -2.66
C LEU A 111 4.01 -9.36 -3.24
N ARG A 112 5.22 -9.60 -2.74
CA ARG A 112 6.11 -10.59 -3.36
C ARG A 112 6.00 -11.95 -2.69
N ASP A 113 6.21 -12.01 -1.37
CA ASP A 113 6.20 -13.29 -0.68
C ASP A 113 4.85 -13.99 -0.80
N ASN A 114 3.78 -13.25 -1.00
CA ASN A 114 2.44 -13.79 -1.14
C ASN A 114 1.76 -13.15 -2.35
N PRO A 115 0.78 -13.84 -2.94
CA PRO A 115 0.10 -13.25 -4.11
C PRO A 115 -0.82 -12.11 -3.71
N GLY A 116 -0.25 -10.95 -3.41
CA GLY A 116 -1.05 -9.83 -2.95
C GLY A 116 -2.09 -9.41 -3.97
N TYR A 117 -1.73 -9.37 -5.25
CA TYR A 117 -2.67 -8.95 -6.27
C TYR A 117 -3.89 -9.88 -6.30
N ASN A 118 -3.65 -11.19 -6.26
CA ASN A 118 -4.76 -12.14 -6.29
C ASN A 118 -5.65 -11.97 -5.07
N ILE A 119 -5.05 -11.79 -3.89
CA ILE A 119 -5.84 -11.64 -2.67
C ILE A 119 -6.70 -10.38 -2.76
N ILE A 120 -6.10 -9.27 -3.20
CA ILE A 120 -6.84 -8.02 -3.28
C ILE A 120 -7.97 -8.13 -4.29
N SER A 121 -7.70 -8.72 -5.45
CA SER A 121 -8.73 -8.86 -6.47
C SER A 121 -9.88 -9.74 -5.97
N SER A 122 -9.55 -10.86 -5.32
CA SER A 122 -10.57 -11.75 -4.80
C SER A 122 -11.42 -11.03 -3.75
N ALA A 123 -10.77 -10.28 -2.86
CA ALA A 123 -11.52 -9.55 -1.84
C ALA A 123 -12.44 -8.50 -2.48
N ALA A 124 -11.93 -7.78 -3.48
CA ALA A 124 -12.72 -6.74 -4.12
C ALA A 124 -13.93 -7.32 -4.83
N GLN A 125 -13.72 -8.35 -5.66
CA GLN A 125 -14.83 -8.90 -6.43
C GLN A 125 -15.89 -9.50 -5.52
N GLU A 126 -15.47 -10.20 -4.46
CA GLU A 126 -16.41 -10.92 -3.61
C GLU A 126 -17.17 -9.97 -2.68
N CYS A 127 -16.49 -8.97 -2.14
CA CYS A 127 -17.14 -8.06 -1.18
C CYS A 127 -18.27 -7.30 -1.84
N LEU A 128 -18.07 -6.83 -3.08
CA LEU A 128 -19.08 -6.02 -3.73
C LEU A 128 -20.39 -6.77 -3.90
N VAL A 129 -20.34 -8.09 -4.10
CA VAL A 129 -21.52 -8.90 -4.34
C VAL A 129 -21.93 -9.69 -3.10
N THR A 130 -20.96 -10.21 -2.36
CA THR A 130 -21.24 -11.02 -1.18
C THR A 130 -21.47 -10.18 0.08
N ARG A 131 -21.37 -8.86 -0.03
CA ARG A 131 -21.61 -7.90 1.04
C ARG A 131 -20.45 -7.82 2.03
N ASN A 132 -19.43 -8.67 1.92
CA ASN A 132 -18.28 -8.59 2.81
C ASN A 132 -17.22 -9.58 2.36
N SER A 133 -15.96 -9.18 2.50
CA SER A 133 -14.82 -10.04 2.25
C SER A 133 -13.89 -9.99 3.45
N PHE A 134 -13.15 -11.08 3.66
CA PHE A 134 -12.28 -11.21 4.82
C PHE A 134 -10.90 -11.66 4.38
N ILE A 135 -9.87 -11.11 5.05
CA ILE A 135 -8.48 -11.46 4.81
C ILE A 135 -7.87 -11.87 6.14
N LYS A 136 -7.14 -12.99 6.13
CA LYS A 136 -6.54 -13.56 7.33
C LYS A 136 -5.03 -13.59 7.16
N TYR A 137 -4.31 -13.36 8.26
CA TYR A 137 -2.87 -13.51 8.30
C TYR A 137 -2.48 -14.39 9.48
N TYR A 138 -1.68 -15.41 9.21
CA TYR A 138 -1.26 -16.39 10.20
C TYR A 138 0.26 -16.52 10.21
N TRP A 139 0.77 -17.07 11.31
CA TRP A 139 2.19 -17.40 11.44
C TRP A 139 2.39 -18.83 10.95
N ASP A 140 2.65 -18.96 9.65
CA ASP A 140 2.91 -20.28 9.09
C ASP A 140 4.22 -20.83 9.63
N GLU A 141 4.20 -22.09 10.06
CA GLU A 141 5.34 -22.75 10.70
C GLU A 141 5.62 -24.09 10.02
N GLN A 142 5.61 -24.09 8.70
CA GLN A 142 5.90 -25.32 7.96
C GLN A 142 7.32 -25.79 8.24
N THR A 143 7.48 -27.11 8.33
CA THR A 143 8.78 -27.71 8.60
C THR A 143 9.04 -28.90 7.68
N GLN A 193 14.66 -28.19 8.37
CA GLN A 193 14.52 -26.86 7.78
C GLN A 193 13.16 -26.27 8.11
N THR A 194 12.98 -25.85 9.36
CA THR A 194 11.74 -25.23 9.80
C THR A 194 11.81 -23.73 9.54
N VAL A 195 10.78 -23.20 8.89
CA VAL A 195 10.73 -21.78 8.53
C VAL A 195 9.47 -21.17 9.11
N LYS A 196 9.53 -19.85 9.33
CA LYS A 196 8.41 -19.08 9.85
C LYS A 196 8.06 -18.01 8.83
N ARG A 197 6.78 -17.94 8.46
CA ARG A 197 6.33 -17.03 7.43
C ARG A 197 5.05 -16.34 7.89
N VAL A 198 4.75 -15.20 7.26
CA VAL A 198 3.51 -14.47 7.51
C VAL A 198 2.61 -14.78 6.33
N LYS A 199 1.75 -15.79 6.48
CA LYS A 199 0.91 -16.26 5.39
C LYS A 199 -0.40 -15.47 5.38
N VAL A 200 -0.65 -14.76 4.29
CA VAL A 200 -1.87 -13.97 4.13
C VAL A 200 -2.74 -14.64 3.08
N GLU A 201 -4.00 -14.86 3.42
CA GLU A 201 -4.92 -15.56 2.53
C GLU A 201 -6.30 -14.93 2.61
N TYR A 202 -7.02 -14.98 1.48
CA TYR A 202 -8.38 -14.47 1.42
C TYR A 202 -9.36 -15.56 1.82
N VAL A 203 -10.21 -15.27 2.80
CA VAL A 203 -11.18 -16.21 3.33
C VAL A 203 -12.54 -15.84 2.75
N PRO A 204 -13.16 -16.68 1.93
CA PRO A 204 -14.50 -16.36 1.43
C PRO A 204 -15.49 -16.18 2.57
N SER A 205 -16.44 -15.26 2.35
CA SER A 205 -17.45 -14.98 3.38
C SER A 205 -18.28 -16.21 3.71
N GLU A 206 -18.31 -17.21 2.83
CA GLU A 206 -19.09 -18.42 3.08
C GLU A 206 -18.57 -19.23 4.26
N GLN A 207 -17.34 -18.96 4.72
CA GLN A 207 -16.73 -19.72 5.81
C GLN A 207 -16.46 -18.83 7.01
N ILE A 208 -17.38 -17.92 7.32
CA ILE A 208 -17.26 -17.00 8.44
C ILE A 208 -18.56 -17.00 9.22
N PHE A 209 -18.45 -17.04 10.55
CA PHE A 209 -19.62 -17.04 11.42
C PHE A 209 -19.36 -16.07 12.57
N VAL A 210 -20.30 -15.15 12.79
CA VAL A 210 -20.22 -14.16 13.85
C VAL A 210 -21.54 -14.11 14.59
N ASP A 211 -21.48 -13.68 15.85
CA ASP A 211 -22.68 -13.55 16.66
C ASP A 211 -23.48 -12.31 16.23
N GLU A 212 -24.75 -12.28 16.65
CA GLU A 212 -25.63 -11.20 16.23
C GLU A 212 -25.34 -9.89 16.98
N HIS A 213 -24.82 -9.99 18.20
CA HIS A 213 -24.63 -8.80 19.03
C HIS A 213 -23.33 -8.05 18.72
N ALA A 214 -22.52 -8.54 17.80
CA ALA A 214 -21.25 -7.91 17.47
C ALA A 214 -21.40 -7.01 16.25
N THR A 215 -20.80 -5.82 16.33
CA THR A 215 -20.77 -4.88 15.22
C THR A 215 -19.37 -4.67 14.66
N SER A 216 -18.34 -5.15 15.34
CA SER A 216 -16.97 -5.02 14.86
C SER A 216 -16.10 -6.05 15.57
N PHE A 217 -14.91 -6.27 15.03
CA PHE A 217 -14.00 -7.24 15.63
C PHE A 217 -13.61 -6.84 17.05
N ALA A 218 -13.52 -5.54 17.31
CA ALA A 218 -13.09 -5.10 18.64
C ALA A 218 -14.05 -5.57 19.72
N ASP A 219 -15.36 -5.41 19.49
CA ASP A 219 -16.37 -5.81 20.45
C ASP A 219 -16.94 -7.19 20.18
N ALA A 220 -16.46 -7.88 19.16
CA ALA A 220 -16.98 -9.21 18.85
C ALA A 220 -16.74 -10.15 20.01
N GLN A 221 -17.77 -10.90 20.40
CA GLN A 221 -17.69 -11.84 21.49
C GLN A 221 -17.52 -13.28 21.02
N TYR A 222 -17.67 -13.55 19.72
CA TYR A 222 -17.52 -14.91 19.20
C TYR A 222 -17.32 -14.83 17.70
N PHE A 223 -16.22 -15.39 17.21
CA PHE A 223 -15.91 -15.39 15.78
C PHE A 223 -15.44 -16.79 15.41
N CYS A 224 -16.21 -17.48 14.58
CA CYS A 224 -15.89 -18.84 14.16
C CYS A 224 -15.52 -18.86 12.68
N HIS A 225 -14.69 -19.84 12.31
CA HIS A 225 -14.25 -19.98 10.93
C HIS A 225 -13.94 -21.45 10.66
N ARG A 226 -14.53 -21.99 9.60
CA ARG A 226 -14.23 -23.35 9.16
C ARG A 226 -13.11 -23.30 8.13
N VAL A 227 -11.99 -23.96 8.44
CA VAL A 227 -10.82 -23.97 7.58
C VAL A 227 -10.59 -25.39 7.09
N ARG A 228 -9.89 -25.49 5.96
CA ARG A 228 -9.53 -26.78 5.37
C ARG A 228 -8.04 -27.00 5.60
N ARG A 229 -7.71 -27.94 6.48
CA ARG A 229 -6.35 -28.24 6.87
C ARG A 229 -6.06 -29.71 6.63
N SER A 230 -4.86 -29.99 6.12
CA SER A 230 -4.47 -31.37 5.88
C SER A 230 -4.31 -32.12 7.20
N LYS A 231 -4.50 -33.44 7.14
CA LYS A 231 -4.37 -34.26 8.33
C LYS A 231 -2.97 -34.21 8.93
N GLU A 232 -1.97 -33.79 8.14
CA GLU A 232 -0.62 -33.69 8.66
C GLU A 232 -0.55 -32.71 9.82
N ASP A 233 -1.19 -31.54 9.67
CA ASP A 233 -1.20 -30.57 10.75
C ASP A 233 -1.90 -31.11 11.98
N LEU A 234 -3.03 -31.81 11.78
CA LEU A 234 -3.76 -32.37 12.91
C LEU A 234 -2.91 -33.39 13.65
N VAL A 235 -2.19 -34.24 12.92
CA VAL A 235 -1.32 -35.22 13.55
C VAL A 235 -0.27 -34.54 14.40
N ALA A 236 0.17 -33.35 13.97
CA ALA A 236 1.18 -32.60 14.72
C ALA A 236 0.67 -32.03 16.02
N MET A 237 -0.64 -32.08 16.27
CA MET A 237 -1.23 -31.46 17.45
C MET A 237 -2.14 -32.36 18.27
N GLY A 238 -2.61 -33.49 17.73
CA GLY A 238 -3.50 -34.34 18.49
C GLY A 238 -3.73 -35.66 17.79
N PHE A 239 -4.26 -36.61 18.55
CA PHE A 239 -4.59 -37.97 18.12
C PHE A 239 -3.55 -38.50 17.11
N PRO A 240 -2.29 -38.64 17.53
CA PRO A 240 -1.29 -39.19 16.61
C PRO A 240 -1.60 -40.61 16.14
N LYS A 241 -2.23 -41.42 16.98
CA LYS A 241 -2.54 -42.81 16.63
C LYS A 241 -3.81 -42.94 15.80
N ASP A 242 -4.64 -41.91 15.73
CA ASP A 242 -5.91 -41.97 15.00
C ASP A 242 -5.91 -40.89 13.93
N GLU A 243 -6.05 -41.31 12.67
CA GLU A 243 -6.13 -40.38 11.54
C GLU A 243 -7.30 -40.72 10.63
N ILE A 244 -8.27 -41.50 11.11
CA ILE A 244 -9.42 -41.90 10.31
C ILE A 244 -10.62 -40.99 10.58
N GLU A 245 -10.40 -39.83 11.19
CA GLU A 245 -11.47 -38.89 11.47
C GLU A 245 -11.93 -38.25 10.18
N ALA A 246 -13.04 -38.74 9.64
CA ALA A 246 -13.59 -38.22 8.39
C ALA A 246 -14.43 -36.98 8.64
N THR A 257 -23.81 -26.86 5.63
CA THR A 257 -24.25 -27.21 4.29
C THR A 257 -24.59 -25.97 3.48
N GLN A 258 -25.03 -24.92 4.18
CA GLN A 258 -25.39 -23.68 3.49
C GLN A 258 -24.17 -23.08 2.79
N SER A 259 -23.01 -23.12 3.45
CA SER A 259 -21.80 -22.58 2.84
C SER A 259 -21.47 -23.31 1.56
N THR A 260 -21.58 -24.64 1.56
CA THR A 260 -21.26 -25.42 0.36
C THR A 260 -22.21 -25.05 -0.78
N VAL A 261 -23.50 -24.94 -0.50
CA VAL A 261 -24.47 -24.58 -1.54
C VAL A 261 -24.17 -23.19 -2.08
N ALA A 262 -23.89 -22.24 -1.19
CA ALA A 262 -23.59 -20.89 -1.63
C ALA A 262 -22.36 -20.85 -2.52
N TRP A 263 -21.30 -21.57 -2.12
CA TRP A 263 -20.08 -21.56 -2.93
C TRP A 263 -20.31 -22.24 -4.28
N SER A 264 -21.07 -23.33 -4.29
CA SER A 264 -21.38 -23.98 -5.56
C SER A 264 -22.16 -23.05 -6.47
N ARG A 265 -23.13 -22.32 -5.92
CA ARG A 265 -23.90 -21.37 -6.72
C ARG A 265 -23.07 -20.17 -7.14
N THR A 266 -21.96 -19.88 -6.43
CA THR A 266 -21.12 -18.75 -6.80
C THR A 266 -20.51 -18.95 -8.18
N ASP A 267 -20.07 -20.17 -8.49
CA ASP A 267 -19.41 -20.46 -9.76
C ASP A 267 -20.14 -21.51 -10.59
N TRP A 268 -20.71 -22.53 -9.97
CA TRP A 268 -21.38 -23.67 -10.59
C TRP A 268 -20.38 -24.66 -11.18
N ARG A 269 -19.08 -24.36 -11.18
CA ARG A 269 -18.08 -25.27 -11.71
C ARG A 269 -17.45 -26.14 -10.64
N GLN A 270 -17.08 -25.56 -9.50
CA GLN A 270 -16.40 -26.28 -8.43
C GLN A 270 -17.34 -26.45 -7.25
N ASP A 271 -17.44 -27.68 -6.75
CA ASP A 271 -18.23 -28.00 -5.57
C ASP A 271 -17.27 -28.30 -4.43
N ILE A 272 -17.30 -27.46 -3.39
CA ILE A 272 -16.36 -27.62 -2.29
C ILE A 272 -16.56 -28.97 -1.60
N ASP A 273 -17.82 -29.35 -1.37
CA ASP A 273 -18.13 -30.63 -0.74
C ASP A 273 -18.22 -31.71 -1.83
N ALA A 274 -17.06 -32.00 -2.41
CA ALA A 274 -16.96 -32.99 -3.47
C ALA A 274 -15.76 -33.88 -3.20
N ASP A 275 -15.81 -35.10 -3.74
CA ASP A 275 -14.75 -36.07 -3.55
C ASP A 275 -13.66 -35.81 -4.58
N ILE A 276 -12.53 -35.27 -4.13
CA ILE A 276 -11.41 -35.04 -5.03
C ILE A 276 -10.85 -36.36 -5.54
N GLY A 277 -10.88 -37.40 -4.71
CA GLY A 277 -10.37 -38.70 -5.05
C GLY A 277 -9.28 -39.21 -4.13
N THR A 278 -8.63 -38.33 -3.37
CA THR A 278 -7.60 -38.77 -2.44
C THR A 278 -8.19 -39.68 -1.38
N ASP A 279 -7.47 -40.75 -1.08
CA ASP A 279 -7.94 -41.71 -0.07
C ASP A 279 -8.00 -41.04 1.29
N THR A 280 -9.03 -41.39 2.06
CA THR A 280 -9.21 -40.77 3.37
C THR A 280 -8.05 -41.10 4.31
N GLU A 281 -7.54 -42.33 4.25
CA GLU A 281 -6.43 -42.72 5.10
C GLU A 281 -5.16 -41.93 4.79
N ASP A 282 -5.10 -41.29 3.62
CA ASP A 282 -3.91 -40.54 3.25
C ASP A 282 -3.58 -39.48 4.29
N ILE A 283 -2.29 -39.36 4.62
CA ILE A 283 -1.87 -38.39 5.63
C ILE A 283 -2.08 -36.96 5.18
N ALA A 284 -2.17 -36.71 3.87
CA ALA A 284 -2.34 -35.37 3.34
C ALA A 284 -3.79 -35.06 3.00
N SER A 285 -4.74 -35.91 3.42
CA SER A 285 -6.14 -35.63 3.15
C SER A 285 -6.58 -34.35 3.85
N MET A 286 -7.47 -33.62 3.19
CA MET A 286 -7.96 -32.34 3.71
C MET A 286 -9.18 -32.55 4.59
N VAL A 287 -9.20 -31.88 5.74
CA VAL A 287 -10.28 -32.02 6.72
C VAL A 287 -10.72 -30.64 7.16
N TRP A 288 -11.97 -30.55 7.62
CA TRP A 288 -12.54 -29.29 8.08
C TRP A 288 -12.27 -29.15 9.58
N VAL A 289 -11.54 -28.12 9.95
CA VAL A 289 -11.30 -27.76 11.34
C VAL A 289 -12.01 -26.45 11.63
N TYR A 290 -12.21 -26.18 12.92
CA TYR A 290 -12.92 -24.98 13.35
C TYR A 290 -12.00 -24.13 14.22
N GLU A 291 -11.85 -22.87 13.86
CA GLU A 291 -11.14 -21.88 14.66
C GLU A 291 -12.18 -20.96 15.30
N HIS A 292 -12.08 -20.80 16.63
CA HIS A 292 -13.03 -20.02 17.39
C HIS A 292 -12.30 -19.02 18.26
N TYR A 293 -12.54 -17.74 18.02
CA TYR A 293 -12.07 -16.68 18.90
C TYR A 293 -13.24 -16.29 19.78
N ILE A 294 -13.16 -16.63 21.06
CA ILE A 294 -14.28 -16.50 21.99
C ILE A 294 -13.85 -15.66 23.18
N ARG A 295 -14.65 -14.65 23.51
CA ARG A 295 -14.45 -13.83 24.70
C ARG A 295 -15.36 -14.39 25.79
N THR A 296 -14.82 -15.32 26.58
CA THR A 296 -15.60 -15.94 27.63
C THR A 296 -14.66 -16.34 28.77
N GLY A 297 -15.24 -16.50 29.95
CA GLY A 297 -14.49 -16.94 31.11
C GLY A 297 -14.45 -18.44 31.24
N VAL A 298 -13.68 -19.11 30.38
CA VAL A 298 -13.53 -20.55 30.49
C VAL A 298 -12.96 -20.91 31.86
N LEU A 299 -12.11 -20.06 32.41
CA LEU A 299 -11.64 -20.21 33.78
C LEU A 299 -12.73 -19.67 34.71
N ASP A 300 -12.38 -19.47 35.99
CA ASP A 300 -13.35 -18.94 36.94
C ASP A 300 -13.93 -17.62 36.43
N LYS A 301 -15.25 -17.50 36.49
CA LYS A 301 -15.91 -16.33 35.92
C LYS A 301 -15.42 -15.03 36.54
N ASN A 302 -14.99 -15.07 37.80
CA ASN A 302 -14.46 -13.87 38.43
C ASN A 302 -13.26 -13.33 37.69
N LYS A 303 -12.53 -14.21 36.99
CA LYS A 303 -11.37 -13.78 36.22
C LYS A 303 -11.82 -12.97 35.01
N GLU A 304 -10.92 -12.15 34.49
CA GLU A 304 -11.23 -11.30 33.35
C GLU A 304 -11.61 -12.16 32.15
N SER A 305 -12.56 -11.66 31.35
CA SER A 305 -13.03 -12.37 30.19
C SER A 305 -11.98 -12.31 29.07
N LYS A 306 -10.91 -13.08 29.22
CA LYS A 306 -9.85 -13.09 28.23
C LYS A 306 -10.34 -13.73 26.94
N LEU A 307 -9.88 -13.21 25.81
CA LEU A 307 -10.22 -13.76 24.52
C LEU A 307 -9.30 -14.94 24.22
N TYR A 308 -9.91 -16.09 23.89
CA TYR A 308 -9.17 -17.31 23.64
C TYR A 308 -9.42 -17.80 22.22
N GLN A 309 -8.35 -18.25 21.58
CA GLN A 309 -8.41 -18.88 20.27
C GLN A 309 -8.32 -20.39 20.46
N VAL A 310 -9.32 -21.10 19.95
CA VAL A 310 -9.40 -22.55 20.07
C VAL A 310 -9.49 -23.13 18.67
N ILE A 311 -8.57 -24.04 18.34
CA ILE A 311 -8.58 -24.77 17.08
C ILE A 311 -8.99 -26.20 17.41
N GLN A 312 -10.10 -26.65 16.81
CA GLN A 312 -10.69 -27.93 17.15
C GLN A 312 -11.03 -28.71 15.89
N ALA A 313 -11.13 -30.03 16.06
CA ALA A 313 -11.61 -30.95 15.05
C ALA A 313 -12.87 -31.62 15.58
N GLY A 314 -13.34 -32.63 14.87
CA GLY A 314 -14.54 -33.33 15.30
C GLY A 314 -14.39 -33.89 16.69
N GLU A 315 -15.09 -33.28 17.65
CA GLU A 315 -15.06 -33.71 19.04
C GLU A 315 -13.63 -33.81 19.56
N HIS A 316 -12.82 -32.81 19.25
CA HIS A 316 -11.42 -32.78 19.69
C HIS A 316 -10.93 -31.35 19.65
N ILE A 317 -10.40 -30.87 20.78
CA ILE A 317 -9.82 -29.54 20.86
C ILE A 317 -8.32 -29.69 20.64
N LEU A 318 -7.88 -29.47 19.39
CA LEU A 318 -6.48 -29.65 19.06
C LEU A 318 -5.59 -28.67 19.81
N HIS A 319 -5.98 -27.40 19.88
CA HIS A 319 -5.12 -26.37 20.44
C HIS A 319 -5.95 -25.27 21.05
N THR A 320 -5.40 -24.66 22.11
CA THR A 320 -6.01 -23.50 22.75
C THR A 320 -4.91 -22.52 23.14
N GLU A 321 -5.19 -21.23 22.97
CA GLU A 321 -4.23 -20.20 23.32
C GLU A 321 -4.97 -18.90 23.60
N GLU A 322 -4.23 -17.91 24.08
CA GLU A 322 -4.77 -16.60 24.39
C GLU A 322 -4.23 -15.59 23.39
N VAL A 323 -5.14 -14.89 22.72
CA VAL A 323 -4.77 -13.82 21.77
C VAL A 323 -5.66 -12.63 22.06
N THR A 324 -5.14 -11.43 21.74
CA THR A 324 -5.83 -10.18 22.02
C THR A 324 -6.14 -9.40 20.75
N HIS A 325 -6.20 -10.06 19.60
CA HIS A 325 -6.44 -9.37 18.34
C HIS A 325 -6.88 -10.41 17.31
N ILE A 326 -8.08 -10.25 16.77
CA ILE A 326 -8.58 -11.14 15.73
C ILE A 326 -7.84 -10.82 14.43
N PRO A 327 -7.10 -11.76 13.85
CA PRO A 327 -6.37 -11.44 12.61
C PRO A 327 -7.28 -11.02 11.47
N PHE A 328 -8.49 -11.56 11.40
CA PHE A 328 -9.35 -11.30 10.24
C PHE A 328 -9.61 -9.82 10.08
N VAL A 329 -9.52 -9.35 8.85
CA VAL A 329 -9.81 -7.96 8.48
C VAL A 329 -10.90 -7.98 7.42
N THR A 330 -11.93 -7.17 7.60
CA THR A 330 -13.12 -7.21 6.76
C THR A 330 -13.20 -5.95 5.89
N PHE A 331 -13.74 -6.12 4.69
CA PHE A 331 -14.04 -5.03 3.78
C PHE A 331 -15.54 -4.78 3.78
N CYS A 332 -15.92 -3.51 3.97
CA CYS A 332 -17.32 -3.12 4.08
C CYS A 332 -17.60 -1.97 3.13
N PRO A 333 -17.79 -2.25 1.84
CA PRO A 333 -18.22 -1.19 0.91
C PRO A 333 -19.60 -0.69 1.29
N TYR A 334 -19.75 0.64 1.31
CA TYR A 334 -21.00 1.25 1.75
C TYR A 334 -21.35 0.71 3.14
N PRO A 335 -20.50 0.96 4.14
CA PRO A 335 -20.76 0.39 5.47
C PRO A 335 -22.06 0.92 6.07
N ILE A 336 -22.74 0.06 6.82
CA ILE A 336 -23.97 0.41 7.51
C ILE A 336 -23.61 0.75 8.96
N PRO A 337 -23.86 1.97 9.42
CA PRO A 337 -23.47 2.32 10.79
C PRO A 337 -24.13 1.41 11.82
N GLY A 338 -23.38 1.09 12.87
CA GLY A 338 -23.90 0.26 13.94
C GLY A 338 -24.27 -1.14 13.50
N SER A 339 -23.45 -1.76 12.65
CA SER A 339 -23.71 -3.11 12.18
C SER A 339 -22.40 -3.70 11.66
N PHE A 340 -22.27 -5.02 11.80
CA PHE A 340 -21.06 -5.71 11.37
C PHE A 340 -20.98 -5.86 9.85
N TYR A 341 -22.11 -5.86 9.16
CA TYR A 341 -22.16 -6.03 7.71
C TYR A 341 -22.69 -4.77 7.07
N GLY A 342 -22.01 -4.30 6.03
CA GLY A 342 -22.43 -3.15 5.27
C GLY A 342 -23.38 -3.52 4.16
N GLN A 343 -23.55 -2.59 3.22
CA GLN A 343 -24.40 -2.82 2.06
C GLN A 343 -23.60 -3.54 0.97
N SER A 344 -24.21 -3.72 -0.20
CA SER A 344 -23.54 -4.39 -1.31
C SER A 344 -24.13 -3.87 -2.61
N VAL A 345 -23.41 -4.11 -3.70
CA VAL A 345 -23.89 -3.68 -5.01
C VAL A 345 -25.21 -4.37 -5.34
N TYR A 346 -25.29 -5.68 -5.08
CA TYR A 346 -26.52 -6.41 -5.36
C TYR A 346 -27.71 -5.78 -4.65
N ASP A 347 -27.51 -5.26 -3.44
CA ASP A 347 -28.63 -4.67 -2.70
C ASP A 347 -29.24 -3.49 -3.44
N ILE A 348 -28.53 -2.92 -4.41
CA ILE A 348 -29.02 -1.78 -5.18
C ILE A 348 -29.31 -2.19 -6.63
N THR A 349 -28.28 -2.64 -7.36
CA THR A 349 -28.45 -2.90 -8.78
C THR A 349 -29.56 -3.90 -9.06
N LYS A 350 -29.83 -4.80 -8.12
CA LYS A 350 -30.90 -5.77 -8.33
C LYS A 350 -32.20 -5.07 -8.68
N ASP A 351 -32.55 -4.01 -7.93
CA ASP A 351 -33.78 -3.30 -8.21
C ASP A 351 -33.80 -2.78 -9.64
N ILE A 352 -32.64 -2.31 -10.13
CA ILE A 352 -32.56 -1.85 -11.51
C ILE A 352 -32.64 -3.03 -12.46
N GLN A 353 -32.00 -4.15 -12.12
CA GLN A 353 -31.88 -5.27 -13.05
C GLN A 353 -33.24 -5.83 -13.42
N ASP A 354 -33.94 -6.41 -12.45
CA ASP A 354 -35.20 -7.10 -12.72
C ASP A 354 -36.08 -6.26 -13.65
N LEU A 355 -36.47 -5.07 -13.19
CA LEU A 355 -37.27 -4.17 -14.00
C LEU A 355 -36.78 -4.13 -15.44
N ARG A 356 -35.53 -3.71 -15.63
CA ARG A 356 -34.98 -3.59 -16.98
C ARG A 356 -35.21 -4.88 -17.75
N THR A 357 -34.83 -6.02 -17.16
CA THR A 357 -34.98 -7.29 -17.86
C THR A 357 -36.41 -7.45 -18.35
N ALA A 358 -37.38 -7.26 -17.45
CA ALA A 358 -38.78 -7.34 -17.84
C ALA A 358 -39.02 -6.50 -19.09
N LEU A 359 -38.72 -5.21 -19.01
CA LEU A 359 -38.93 -4.34 -20.15
C LEU A 359 -38.25 -4.92 -21.39
N VAL A 360 -36.98 -5.28 -21.26
CA VAL A 360 -36.26 -5.82 -22.41
C VAL A 360 -37.02 -7.00 -22.99
N ARG A 361 -37.43 -7.93 -22.12
CA ARG A 361 -38.18 -9.08 -22.60
C ARG A 361 -39.38 -8.61 -23.40
N GLY A 362 -40.18 -7.71 -22.82
CA GLY A 362 -41.30 -7.14 -23.53
C GLY A 362 -40.86 -6.68 -24.91
N TYR A 363 -39.85 -5.80 -24.93
CA TYR A 363 -39.39 -5.24 -26.18
C TYR A 363 -39.13 -6.35 -27.19
N ILE A 364 -38.43 -7.40 -26.77
CA ILE A 364 -38.05 -8.45 -27.70
C ILE A 364 -39.28 -9.03 -28.38
N ASP A 365 -40.29 -9.41 -27.58
CA ASP A 365 -41.48 -10.00 -28.19
C ASP A 365 -42.17 -8.97 -29.08
N ASN A 366 -42.20 -7.71 -28.65
CA ASN A 366 -42.82 -6.68 -29.47
C ASN A 366 -42.21 -6.64 -30.86
N VAL A 367 -40.94 -7.02 -30.98
CA VAL A 367 -40.32 -7.15 -32.29
C VAL A 367 -40.55 -8.55 -32.86
N ASN A 368 -40.36 -9.58 -32.03
CA ASN A 368 -40.42 -10.94 -32.54
C ASN A 368 -41.73 -11.21 -33.25
N ASN A 369 -42.85 -10.92 -32.59
CA ASN A 369 -44.15 -11.11 -33.24
C ASN A 369 -44.24 -10.27 -34.50
N ALA A 370 -43.78 -9.01 -34.45
CA ALA A 370 -43.82 -8.15 -35.63
C ALA A 370 -43.01 -8.73 -36.77
N ASN A 371 -42.05 -9.62 -36.48
CA ASN A 371 -41.27 -10.22 -37.55
C ASN A 371 -42.08 -11.20 -38.37
N TYR A 372 -43.12 -11.80 -37.77
CA TYR A 372 -43.91 -12.79 -38.50
C TYR A 372 -44.60 -12.17 -39.71
N GLY A 373 -45.20 -11.00 -39.53
CA GLY A 373 -45.83 -10.30 -40.62
C GLY A 373 -46.94 -11.11 -41.29
N ARG A 374 -47.82 -11.69 -40.49
CA ARG A 374 -48.91 -12.48 -41.03
C ARG A 374 -49.82 -11.62 -41.90
N TYR A 375 -50.37 -12.24 -42.95
CA TYR A 375 -51.29 -11.57 -43.87
C TYR A 375 -52.69 -12.09 -43.62
N LYS A 376 -53.61 -11.19 -43.28
CA LYS A 376 -55.01 -11.54 -43.12
C LYS A 376 -55.71 -11.51 -44.47
N ALA A 377 -56.63 -12.45 -44.66
CA ALA A 377 -57.31 -12.58 -45.94
C ALA A 377 -58.71 -13.15 -45.73
N LEU A 378 -59.57 -12.95 -46.73
CA LEU A 378 -60.92 -13.46 -46.68
C LEU A 378 -60.92 -14.97 -46.96
N VAL A 379 -62.12 -15.53 -47.07
CA VAL A 379 -62.26 -16.98 -47.22
C VAL A 379 -62.32 -17.39 -48.68
N GLY A 380 -63.19 -16.74 -49.47
CA GLY A 380 -63.41 -17.14 -50.84
C GLY A 380 -62.49 -16.52 -51.87
N ALA A 381 -61.50 -15.74 -51.46
CA ALA A 381 -60.61 -15.03 -52.38
C ALA A 381 -59.16 -15.28 -52.01
N TYR A 382 -58.82 -16.54 -51.76
CA TYR A 382 -57.46 -16.89 -51.39
C TYR A 382 -56.54 -16.98 -52.62
N ASP A 383 -56.93 -17.77 -53.61
CA ASP A 383 -56.06 -18.10 -54.74
C ASP A 383 -54.78 -18.76 -54.23
N ARG A 384 -54.96 -19.93 -53.61
CA ARG A 384 -53.89 -20.54 -52.82
C ARG A 384 -52.67 -20.84 -53.67
N ARG A 385 -52.87 -21.38 -54.88
CA ARG A 385 -51.72 -21.77 -55.70
C ARG A 385 -50.80 -20.58 -55.94
N SER A 386 -51.36 -19.44 -56.32
CA SER A 386 -50.55 -18.26 -56.58
C SER A 386 -50.06 -17.63 -55.29
N LEU A 387 -50.91 -17.56 -54.27
CA LEU A 387 -50.53 -16.88 -53.03
C LEU A 387 -49.35 -17.56 -52.35
N LEU A 388 -49.37 -18.90 -52.29
CA LEU A 388 -48.29 -19.62 -51.63
C LEU A 388 -46.96 -19.38 -52.34
N ASP A 389 -46.98 -19.37 -53.68
CA ASP A 389 -45.76 -19.13 -54.43
C ASP A 389 -45.18 -17.77 -54.07
N ASN A 390 -43.88 -17.75 -53.78
CA ASN A 390 -43.18 -16.53 -53.39
C ASN A 390 -42.33 -15.95 -54.52
N ARG A 391 -42.49 -16.46 -55.73
CA ARG A 391 -41.71 -15.95 -56.84
C ARG A 391 -42.09 -14.50 -57.10
N PRO A 392 -41.12 -13.64 -57.49
CA PRO A 392 -41.45 -12.22 -57.70
C PRO A 392 -42.62 -12.00 -58.65
N GLY A 393 -43.71 -11.45 -58.14
CA GLY A 393 -44.86 -11.12 -58.96
C GLY A 393 -45.64 -12.33 -59.43
N GLY A 394 -46.92 -12.14 -59.72
CA GLY A 394 -47.77 -13.19 -60.25
C GLY A 394 -49.01 -13.49 -59.41
N VAL A 395 -49.17 -12.88 -58.24
CA VAL A 395 -50.32 -13.19 -57.41
C VAL A 395 -51.60 -12.79 -58.11
N VAL A 396 -52.59 -13.69 -58.08
CA VAL A 396 -53.89 -13.45 -58.69
C VAL A 396 -54.81 -13.03 -57.56
N GLU A 397 -54.86 -11.74 -57.29
CA GLU A 397 -55.67 -11.17 -56.21
C GLU A 397 -57.02 -10.73 -56.74
N MET A 398 -57.74 -11.69 -57.33
CA MET A 398 -59.06 -11.40 -57.88
C MET A 398 -60.08 -11.28 -56.75
N GLU A 399 -61.35 -11.15 -57.12
CA GLU A 399 -62.45 -11.09 -56.17
C GLU A 399 -62.30 -9.87 -55.24
N ARG A 400 -62.50 -8.70 -55.84
CA ARG A 400 -62.55 -7.39 -55.20
C ARG A 400 -61.18 -6.78 -54.93
N GLN A 401 -60.09 -7.46 -55.24
CA GLN A 401 -58.74 -6.91 -55.17
C GLN A 401 -58.34 -6.47 -53.76
N ASP A 402 -59.15 -6.80 -52.75
CA ASP A 402 -58.86 -6.42 -51.37
C ASP A 402 -58.88 -7.64 -50.46
N ALA A 403 -58.55 -8.81 -51.00
CA ALA A 403 -58.61 -10.05 -50.24
C ALA A 403 -57.41 -10.33 -49.35
N ILE A 404 -56.37 -9.52 -49.40
CA ILE A 404 -55.18 -9.71 -48.58
C ILE A 404 -54.74 -8.36 -48.03
N ASP A 405 -54.37 -8.35 -46.76
CA ASP A 405 -53.87 -7.13 -46.13
C ASP A 405 -52.97 -7.51 -44.95
N LEU A 406 -51.94 -6.71 -44.74
CA LEU A 406 -51.01 -6.99 -43.66
C LEU A 406 -51.75 -7.02 -42.32
N PHE A 407 -51.49 -8.07 -41.54
CA PHE A 407 -52.18 -8.23 -40.27
C PHE A 407 -51.72 -7.14 -39.31
N PRO A 408 -52.65 -6.40 -38.68
CA PRO A 408 -52.24 -5.32 -37.79
C PRO A 408 -51.46 -5.86 -36.60
N TYR A 409 -50.46 -5.10 -36.17
CA TYR A 409 -49.65 -5.42 -35.00
C TYR A 409 -49.58 -4.22 -34.08
N HIS A 410 -49.69 -4.46 -32.78
CA HIS A 410 -49.59 -3.38 -31.81
C HIS A 410 -48.25 -2.67 -31.94
N ASN A 411 -48.31 -1.34 -31.98
CA ASN A 411 -47.08 -0.56 -32.06
C ASN A 411 -46.33 -0.64 -30.73
N LEU A 412 -45.02 -0.44 -30.80
CA LEU A 412 -44.20 -0.49 -29.60
C LEU A 412 -44.70 0.54 -28.59
N PRO A 413 -44.90 0.17 -27.32
CA PRO A 413 -45.35 1.16 -26.34
C PRO A 413 -44.40 2.34 -26.26
N GLN A 414 -44.97 3.53 -26.11
CA GLN A 414 -44.15 4.75 -26.11
C GLN A 414 -43.31 4.88 -24.85
N GLY A 415 -43.78 4.33 -23.73
CA GLY A 415 -43.08 4.51 -22.46
C GLY A 415 -41.83 3.68 -22.31
N ILE A 416 -41.62 2.68 -23.17
CA ILE A 416 -40.49 1.79 -23.00
C ILE A 416 -39.18 2.57 -23.08
N ASP A 417 -39.05 3.45 -24.07
CA ASP A 417 -37.84 4.24 -24.19
C ASP A 417 -37.62 5.12 -22.97
N GLY A 418 -38.68 5.76 -22.49
CA GLY A 418 -38.55 6.60 -21.31
C GLY A 418 -38.15 5.81 -20.08
N LEU A 419 -38.77 4.64 -19.89
CA LEU A 419 -38.41 3.81 -18.74
C LEU A 419 -36.96 3.34 -18.83
N LEU A 420 -36.51 2.95 -20.03
CA LEU A 420 -35.12 2.54 -20.19
C LEU A 420 -34.17 3.69 -19.89
N GLY A 421 -34.47 4.89 -20.37
CA GLY A 421 -33.63 6.03 -20.08
C GLY A 421 -33.59 6.35 -18.59
N MET A 422 -34.75 6.30 -17.93
CA MET A 422 -34.79 6.54 -16.49
C MET A 422 -33.97 5.50 -15.74
N SER A 423 -34.09 4.24 -16.13
CA SER A 423 -33.30 3.18 -15.49
C SER A 423 -31.80 3.42 -15.69
N GLU A 424 -31.41 3.79 -16.90
CA GLU A 424 -30.00 4.02 -17.18
C GLU A 424 -29.45 5.16 -16.35
N GLU A 425 -30.17 6.29 -16.31
CA GLU A 425 -29.68 7.42 -15.54
C GLU A 425 -29.69 7.13 -14.05
N LEU A 426 -30.68 6.36 -13.58
CA LEU A 426 -30.71 5.96 -12.17
C LEU A 426 -29.51 5.10 -11.84
N LYS A 427 -29.16 4.15 -12.71
CA LYS A 427 -27.97 3.34 -12.48
C LYS A 427 -26.72 4.20 -12.47
N GLU A 428 -26.62 5.15 -13.40
CA GLU A 428 -25.43 5.99 -13.46
C GLU A 428 -25.27 6.83 -12.20
N THR A 429 -26.37 7.44 -11.72
CA THR A 429 -26.28 8.33 -10.57
C THR A 429 -26.15 7.56 -9.26
N ARG A 430 -26.79 6.40 -9.14
CA ARG A 430 -26.81 5.65 -7.89
C ARG A 430 -25.61 4.71 -7.78
N THR A 431 -25.42 3.85 -8.78
CA THR A 431 -24.31 2.91 -8.73
C THR A 431 -22.96 3.61 -8.72
N GLY A 432 -22.82 4.68 -9.50
CA GLY A 432 -21.58 5.40 -9.60
C GLY A 432 -20.70 5.04 -10.78
N VAL A 433 -21.22 4.26 -11.73
CA VAL A 433 -20.47 3.85 -12.91
C VAL A 433 -21.06 4.57 -14.12
N THR A 434 -20.20 5.20 -14.91
CA THR A 434 -20.61 5.95 -16.08
C THR A 434 -20.08 5.26 -17.34
N LYS A 435 -20.88 5.29 -18.40
CA LYS A 435 -20.51 4.61 -19.64
C LYS A 435 -19.21 5.18 -20.20
N LEU A 436 -19.09 6.51 -20.24
CA LEU A 436 -17.93 7.17 -20.80
C LEU A 436 -17.19 8.01 -19.75
N GLY A 437 -17.45 7.77 -18.47
CA GLY A 437 -16.78 8.52 -17.43
C GLY A 437 -15.34 8.06 -17.25
N MET A 438 -14.59 8.87 -16.52
CA MET A 438 -13.19 8.60 -16.24
C MET A 438 -13.03 7.95 -14.87
N GLY A 439 -11.98 7.14 -14.75
CA GLY A 439 -11.68 6.48 -13.51
C GLY A 439 -10.97 7.41 -12.54
N ILE A 440 -10.63 6.86 -11.38
CA ILE A 440 -9.96 7.61 -10.32
C ILE A 440 -8.57 7.01 -10.13
N ASN A 441 -7.55 7.80 -10.48
CA ASN A 441 -6.18 7.40 -10.21
C ASN A 441 -5.85 7.59 -8.73
N PRO A 442 -4.83 6.89 -8.23
CA PRO A 442 -4.45 7.11 -6.82
C PRO A 442 -4.10 8.56 -6.52
N ASP A 443 -3.48 9.26 -7.47
CA ASP A 443 -3.12 10.65 -7.24
C ASP A 443 -4.35 11.50 -6.99
N VAL A 444 -5.37 11.36 -7.84
CA VAL A 444 -6.61 12.11 -7.63
C VAL A 444 -7.33 11.61 -6.38
N PHE A 445 -7.22 10.31 -6.08
CA PHE A 445 -7.84 9.79 -4.87
C PHE A 445 -7.28 10.46 -3.63
N LYS A 446 -5.96 10.62 -3.56
CA LYS A 446 -5.36 11.32 -2.43
C LYS A 446 -5.83 12.78 -2.38
N ASN A 447 -5.87 13.44 -3.53
CA ASN A 447 -6.28 14.84 -3.61
C ASN A 447 -7.06 15.04 -4.90
N ASP A 448 -8.37 15.29 -4.78
CA ASP A 448 -9.21 15.45 -5.96
C ASP A 448 -8.85 16.70 -6.76
N ASN A 449 -8.10 17.63 -6.18
CA ASN A 449 -7.73 18.86 -6.86
C ASN A 449 -6.40 18.74 -7.59
N ALA A 450 -5.81 17.55 -7.65
CA ALA A 450 -4.53 17.38 -8.33
C ALA A 450 -4.63 17.77 -9.80
N TYR A 451 -5.71 17.36 -10.47
CA TYR A 451 -5.95 17.72 -11.86
C TYR A 451 -7.01 18.82 -11.96
N ALA A 452 -7.03 19.75 -11.02
CA ALA A 452 -8.02 20.80 -11.01
C ALA A 452 -7.98 21.65 -12.28
N THR A 453 -6.85 21.65 -12.98
CA THR A 453 -6.76 22.44 -14.20
C THR A 453 -7.78 22.00 -15.24
N VAL A 454 -7.93 20.69 -15.44
CA VAL A 454 -8.87 20.16 -16.40
C VAL A 454 -9.82 19.20 -15.71
N GLY A 455 -9.28 18.14 -15.12
CA GLY A 455 -10.08 17.11 -14.48
C GLY A 455 -10.43 17.43 -13.05
N LEU A 456 -11.35 18.38 -12.85
CA LEU A 456 -11.76 18.73 -11.49
C LEU A 456 -12.42 17.57 -10.77
N MET A 457 -12.96 16.60 -11.50
CA MET A 457 -13.55 15.40 -10.92
C MET A 457 -14.67 15.76 -9.95
N MET A 458 -15.56 16.64 -10.38
CA MET A 458 -16.74 17.00 -9.61
C MET A 458 -17.92 16.07 -9.90
N ASN A 459 -17.76 15.10 -10.80
CA ASN A 459 -18.86 14.21 -11.14
C ASN A 459 -19.38 13.50 -9.90
N ALA A 460 -20.71 13.48 -9.75
CA ALA A 460 -21.31 12.84 -8.60
C ALA A 460 -20.95 11.36 -8.53
N ALA A 461 -21.00 10.68 -9.69
CA ALA A 461 -20.64 9.26 -9.72
C ALA A 461 -19.18 9.06 -9.31
N GLN A 462 -18.28 9.90 -9.82
CA GLN A 462 -16.88 9.80 -9.45
C GLN A 462 -16.68 10.06 -7.96
N ASN A 463 -17.38 11.05 -7.42
CA ASN A 463 -17.26 11.33 -5.99
C ASN A 463 -17.76 10.17 -5.15
N ARG A 464 -18.88 9.56 -5.54
CA ARG A 464 -19.39 8.41 -4.80
C ARG A 464 -18.42 7.24 -4.87
N LEU A 465 -17.85 6.99 -6.06
CA LEU A 465 -16.89 5.91 -6.21
C LEU A 465 -15.66 6.16 -5.35
N ARG A 466 -15.16 7.39 -5.33
CA ARG A 466 -14.00 7.71 -4.50
C ARG A 466 -14.35 7.57 -3.03
N MET A 467 -15.57 7.93 -2.65
CA MET A 467 -15.98 7.80 -1.25
C MET A 467 -15.98 6.33 -0.82
N VAL A 468 -16.54 5.46 -1.66
CA VAL A 468 -16.57 4.04 -1.29
C VAL A 468 -15.16 3.48 -1.27
N CYS A 469 -14.31 3.91 -2.21
CA CYS A 469 -12.91 3.45 -2.21
C CYS A 469 -12.19 3.89 -0.94
N ARG A 470 -12.41 5.14 -0.51
CA ARG A 470 -11.79 5.63 0.71
C ARG A 470 -12.31 4.87 1.93
N ASN A 471 -13.60 4.56 1.95
CA ASN A 471 -14.14 3.75 3.05
C ASN A 471 -13.48 2.38 3.09
N ILE A 472 -13.32 1.75 1.93
CA ILE A 472 -12.65 0.45 1.88
C ILE A 472 -11.21 0.58 2.40
N ALA A 473 -10.51 1.62 1.95
CA ALA A 473 -9.11 1.79 2.36
C ALA A 473 -9.01 1.97 3.88
N HIS A 474 -9.81 2.87 4.44
CA HIS A 474 -9.71 3.15 5.88
C HIS A 474 -10.16 1.95 6.71
N ASN A 475 -11.22 1.26 6.28
CA ASN A 475 -11.72 0.13 7.07
C ASN A 475 -10.80 -1.07 6.95
N GLY A 476 -10.40 -1.42 5.72
CA GLY A 476 -9.66 -2.64 5.49
C GLY A 476 -8.15 -2.52 5.44
N MET A 477 -7.64 -1.63 4.57
CA MET A 477 -6.22 -1.63 4.28
C MET A 477 -5.39 -1.29 5.50
N VAL A 478 -5.71 -0.17 6.17
CA VAL A 478 -4.89 0.26 7.30
C VAL A 478 -4.99 -0.75 8.43
N GLU A 479 -6.17 -1.33 8.65
CA GLU A 479 -6.30 -2.36 9.68
C GLU A 479 -5.41 -3.57 9.36
N LEU A 480 -5.40 -4.01 8.10
CA LEU A 480 -4.56 -5.13 7.72
C LEU A 480 -3.09 -4.81 7.92
N MET A 481 -2.66 -3.62 7.53
CA MET A 481 -1.26 -3.24 7.68
C MET A 481 -0.87 -3.18 9.16
N ARG A 482 -1.73 -2.60 9.99
CA ARG A 482 -1.44 -2.55 11.42
C ARG A 482 -1.38 -3.94 12.02
N GLY A 483 -2.30 -4.83 11.60
CA GLY A 483 -2.26 -6.19 12.10
C GLY A 483 -0.97 -6.91 11.71
N ILE A 484 -0.54 -6.76 10.46
CA ILE A 484 0.70 -7.38 10.03
C ILE A 484 1.88 -6.81 10.81
N TYR A 485 1.89 -5.48 11.02
CA TYR A 485 2.98 -4.86 11.76
C TYR A 485 3.04 -5.38 13.19
N ASN A 486 1.88 -5.51 13.84
CA ASN A 486 1.85 -6.07 15.19
C ASN A 486 2.33 -7.51 15.18
N LEU A 487 1.89 -8.31 14.21
CA LEU A 487 2.28 -9.71 14.15
C LEU A 487 3.79 -9.86 14.01
N ILE A 488 4.39 -9.10 13.09
CA ILE A 488 5.84 -9.17 12.92
C ILE A 488 6.55 -8.58 14.13
N ARG A 489 6.00 -7.52 14.71
CA ARG A 489 6.63 -6.85 15.84
C ARG A 489 6.56 -7.67 17.12
N GLU A 490 5.62 -8.61 17.21
CA GLU A 490 5.41 -9.40 18.42
C GLU A 490 6.07 -10.78 18.35
N ASN A 491 6.75 -11.10 17.27
CA ASN A 491 7.38 -12.40 17.14
C ASN A 491 8.24 -12.42 15.88
N GLY A 492 9.22 -13.31 15.86
CA GLY A 492 10.08 -13.49 14.72
C GLY A 492 11.42 -12.78 14.88
N GLU A 493 12.43 -13.29 14.18
CA GLU A 493 13.78 -12.74 14.20
C GLU A 493 14.23 -12.58 12.75
N VAL A 494 14.12 -11.38 12.21
CA VAL A 494 14.45 -11.08 10.83
C VAL A 494 15.52 -10.00 10.82
N PRO A 495 16.64 -10.18 10.10
CA PRO A 495 17.64 -9.12 10.02
C PRO A 495 17.34 -8.12 8.91
N ILE A 496 18.18 -7.09 8.81
CA ILE A 496 18.03 -6.05 7.79
C ILE A 496 19.39 -5.78 7.17
N GLU A 497 19.41 -5.55 5.86
CA GLU A 497 20.64 -5.26 5.13
C GLU A 497 20.94 -3.76 5.26
N VAL A 498 21.78 -3.42 6.23
CA VAL A 498 22.19 -2.03 6.41
C VAL A 498 23.38 -1.75 5.49
N GLN A 499 23.40 -0.55 4.91
CA GLN A 499 24.39 -0.21 3.90
C GLN A 499 25.71 0.26 4.50
N THR A 500 25.69 0.87 5.69
CA THR A 500 26.93 1.41 6.24
C THR A 500 28.00 0.33 6.44
N PRO A 501 27.70 -0.82 7.05
CA PRO A 501 28.70 -1.90 7.13
C PRO A 501 28.65 -2.89 5.98
N ARG A 502 27.73 -2.73 5.03
CA ARG A 502 27.55 -3.67 3.93
C ARG A 502 27.31 -5.08 4.46
N GLY A 503 26.50 -5.18 5.52
CA GLY A 503 26.18 -6.46 6.12
C GLY A 503 24.76 -6.54 6.63
N MET A 504 24.49 -7.55 7.45
CA MET A 504 23.15 -7.79 7.99
C MET A 504 23.15 -7.52 9.49
N ILE A 505 22.24 -6.69 9.95
CA ILE A 505 22.07 -6.40 11.37
C ILE A 505 20.76 -7.02 11.83
N GLN A 506 20.83 -7.81 12.90
CA GLN A 506 19.66 -8.50 13.43
C GLN A 506 18.93 -7.55 14.36
N VAL A 507 17.95 -6.83 13.81
CA VAL A 507 17.14 -5.90 14.59
C VAL A 507 16.04 -6.68 15.28
N ASN A 508 16.00 -6.61 16.61
CA ASN A 508 14.98 -7.33 17.35
C ASN A 508 13.59 -6.78 17.03
N PRO A 509 12.57 -7.64 16.98
CA PRO A 509 11.22 -7.13 16.67
C PRO A 509 10.74 -6.08 17.66
N LYS A 510 11.10 -6.22 18.94
CA LYS A 510 10.65 -5.25 19.93
C LYS A 510 11.24 -3.88 19.68
N GLN A 511 12.43 -3.81 19.08
CA GLN A 511 13.08 -2.52 18.86
C GLN A 511 12.27 -1.62 17.95
N LEU A 512 11.38 -2.17 17.13
CA LEU A 512 10.56 -1.34 16.27
C LEU A 512 9.55 -0.53 17.11
N PRO A 513 9.20 0.66 16.66
CA PRO A 513 8.27 1.49 17.43
C PRO A 513 6.84 0.96 17.37
N ALA A 514 6.03 1.44 18.30
CA ALA A 514 4.63 1.04 18.36
C ALA A 514 3.81 1.78 17.31
N ARG A 515 2.59 1.30 17.10
CA ARG A 515 1.71 1.91 16.10
C ARG A 515 1.37 3.35 16.45
N HIS A 516 1.49 3.73 17.72
CA HIS A 516 1.13 5.09 18.12
C HIS A 516 1.97 6.13 17.40
N ASN A 517 3.21 5.79 17.04
CA ASN A 517 4.14 6.73 16.44
C ASN A 517 4.38 6.44 14.96
N LEU A 518 3.48 5.71 14.31
CA LEU A 518 3.62 5.37 12.90
C LEU A 518 2.32 5.68 12.18
N GLN A 519 2.41 6.41 11.08
CA GLN A 519 1.27 6.69 10.23
C GLN A 519 1.36 5.84 8.96
N VAL A 520 0.24 5.21 8.60
CA VAL A 520 0.16 4.31 7.46
C VAL A 520 -0.57 5.03 6.33
N VAL A 521 0.01 4.99 5.13
CA VAL A 521 -0.56 5.63 3.95
C VAL A 521 -0.67 4.58 2.85
N VAL A 522 -1.81 4.59 2.14
CA VAL A 522 -2.08 3.64 1.07
C VAL A 522 -2.41 4.43 -0.18
N ALA A 523 -2.59 3.69 -1.29
CA ALA A 523 -2.96 4.28 -2.57
C ALA A 523 -1.92 5.31 -3.02
N ILE A 524 -0.72 4.82 -3.27
CA ILE A 524 0.40 5.65 -3.73
C ILE A 524 0.59 5.43 -5.21
N SER A 525 0.72 6.52 -5.96
CA SER A 525 0.83 6.43 -7.41
C SER A 525 2.12 5.70 -7.80
N PRO A 526 2.11 4.98 -8.92
CA PRO A 526 3.34 4.28 -9.33
C PRO A 526 4.53 5.21 -9.54
N ASN A 527 4.28 6.41 -10.06
CA ASN A 527 5.34 7.35 -10.38
C ASN A 527 5.76 8.21 -9.20
N GLU A 528 5.14 8.02 -8.02
CA GLU A 528 5.44 8.87 -6.88
C GLU A 528 6.94 8.89 -6.59
N LYS A 529 7.61 7.75 -6.74
CA LYS A 529 9.05 7.70 -6.51
C LYS A 529 9.75 8.78 -7.35
N ALA A 530 9.48 8.81 -8.65
CA ALA A 530 10.06 9.84 -9.50
C ALA A 530 9.78 11.22 -8.93
N GLU A 531 8.53 11.46 -8.53
CA GLU A 531 8.20 12.76 -7.94
C GLU A 531 9.12 13.06 -6.78
N ARG A 532 9.30 12.10 -5.87
CA ARG A 532 10.20 12.30 -4.74
C ARG A 532 11.56 12.77 -5.23
N ALA A 533 12.09 12.11 -6.25
CA ALA A 533 13.39 12.49 -6.78
C ALA A 533 13.42 13.98 -7.08
N GLN A 534 12.41 14.47 -7.80
CA GLN A 534 12.35 15.89 -8.10
C GLN A 534 12.48 16.71 -6.82
N LYS A 535 11.66 16.41 -5.82
CA LYS A 535 11.74 17.12 -4.56
C LYS A 535 13.18 17.15 -4.07
N LEU A 536 13.84 15.99 -4.05
CA LEU A 536 15.20 15.93 -3.56
C LEU A 536 16.08 16.95 -4.28
N ILE A 537 16.07 16.93 -5.62
CA ILE A 537 16.93 17.87 -6.34
C ILE A 537 16.52 19.30 -6.01
N SER A 538 15.21 19.55 -5.95
CA SER A 538 14.75 20.85 -5.51
C SER A 538 15.35 21.18 -4.15
N LEU A 539 15.18 20.26 -3.19
CA LEU A 539 15.78 20.47 -1.88
C LEU A 539 17.27 20.73 -2.02
N LYS A 540 17.94 19.97 -2.87
CA LYS A 540 19.37 20.19 -3.07
C LYS A 540 19.63 21.64 -3.41
N GLN A 541 18.91 22.17 -4.41
CA GLN A 541 19.08 23.56 -4.79
C GLN A 541 18.92 24.46 -3.57
N LEU A 542 17.88 24.21 -2.78
CA LEU A 542 17.66 25.01 -1.58
C LEU A 542 18.90 24.99 -0.70
N ILE A 543 19.40 23.79 -0.37
CA ILE A 543 20.56 23.71 0.51
C ILE A 543 21.81 24.20 -0.21
N ALA A 544 21.78 24.23 -1.55
CA ALA A 544 22.88 24.83 -2.29
C ALA A 544 22.83 26.36 -2.23
N ALA A 545 21.63 26.92 -2.05
CA ALA A 545 21.50 28.38 -2.05
C ALA A 545 22.12 28.98 -0.79
N ASP A 546 21.89 28.36 0.37
CA ASP A 546 22.36 28.90 1.63
C ASP A 546 23.72 28.30 1.97
N ALA A 547 24.73 29.16 2.09
CA ALA A 547 26.07 28.72 2.47
C ALA A 547 26.22 28.51 3.97
N GLN A 548 25.26 28.98 4.78
CA GLN A 548 25.35 28.80 6.22
C GLN A 548 25.34 27.33 6.60
N LEU A 549 24.54 26.53 5.90
CA LEU A 549 24.45 25.09 6.17
C LEU A 549 25.53 24.29 5.45
N ALA A 550 26.39 24.93 4.67
CA ALA A 550 27.42 24.19 3.95
C ALA A 550 28.30 23.36 4.88
N PRO A 551 28.76 23.86 6.03
CA PRO A 551 29.64 23.03 6.87
C PRO A 551 29.02 21.70 7.26
N LEU A 552 27.71 21.68 7.54
CA LEU A 552 27.06 20.43 7.90
C LEU A 552 26.87 19.54 6.68
N PHE A 553 26.55 20.13 5.53
CA PHE A 553 26.33 19.37 4.30
C PHE A 553 27.68 19.00 3.70
N GLY A 554 28.26 17.93 4.25
CA GLY A 554 29.57 17.48 3.82
C GLY A 554 29.49 16.60 2.59
N LEU A 555 30.65 16.05 2.24
CA LEU A 555 30.73 15.20 1.05
C LEU A 555 29.86 13.96 1.20
N GLU A 556 29.88 13.34 2.38
CA GLU A 556 29.13 12.10 2.58
C GLU A 556 27.64 12.32 2.40
N GLN A 557 27.10 13.43 2.94
CA GLN A 557 25.68 13.70 2.80
C GLN A 557 25.31 13.94 1.35
N ASP A 558 26.15 14.68 0.61
CA ASP A 558 25.88 14.91 -0.80
C ASP A 558 25.88 13.60 -1.58
N ARG A 559 26.86 12.74 -1.30
CA ARG A 559 26.91 11.45 -1.98
C ARG A 559 25.69 10.61 -1.65
N TYR A 560 25.25 10.64 -0.38
CA TYR A 560 24.06 9.89 0.00
C TYR A 560 22.83 10.40 -0.72
N MET A 561 22.68 11.71 -0.84
CA MET A 561 21.54 12.27 -1.55
C MET A 561 21.57 11.86 -3.03
N THR A 562 22.74 11.95 -3.66
CA THR A 562 22.86 11.54 -5.05
C THR A 562 22.55 10.06 -5.21
N ALA A 563 23.01 9.23 -4.27
CA ALA A 563 22.72 7.80 -4.33
C ALA A 563 21.23 7.54 -4.18
N GLN A 564 20.55 8.29 -3.30
CA GLN A 564 19.11 8.14 -3.18
C GLN A 564 18.42 8.50 -4.48
N ILE A 565 18.83 9.60 -5.11
CA ILE A 565 18.22 10.00 -6.38
C ILE A 565 18.42 8.91 -7.43
N PHE A 566 19.65 8.38 -7.51
CA PHE A 566 19.91 7.31 -8.47
C PHE A 566 19.05 6.09 -8.17
N GLU A 567 19.03 5.64 -6.91
CA GLU A 567 18.17 4.51 -6.56
C GLU A 567 16.74 4.76 -6.97
N LEU A 568 16.28 6.01 -6.88
CA LEU A 568 14.96 6.34 -7.40
C LEU A 568 14.88 6.11 -8.91
N MET A 569 15.92 6.51 -9.64
CA MET A 569 15.96 6.26 -11.09
C MET A 569 17.10 5.34 -11.50
N GLY A 570 18.35 5.68 -11.18
CA GLY A 570 19.49 4.89 -11.59
C GLY A 570 19.93 3.87 -10.55
N ILE A 571 19.16 2.78 -10.42
CA ILE A 571 19.37 1.79 -9.36
C ILE A 571 20.85 1.48 -9.19
N LYS A 572 21.57 1.32 -10.29
CA LYS A 572 23.00 1.04 -10.25
C LYS A 572 23.78 2.34 -10.38
N ASP A 573 24.75 2.54 -9.50
CA ASP A 573 25.56 3.75 -9.47
C ASP A 573 27.05 3.48 -9.54
N THR A 574 27.53 2.40 -8.93
CA THR A 574 28.96 2.08 -8.94
C THR A 574 29.44 1.60 -10.30
N HIS A 575 28.54 1.37 -11.25
CA HIS A 575 28.93 0.83 -12.55
C HIS A 575 29.89 1.76 -13.30
N LYS A 576 29.96 3.04 -12.93
CA LYS A 576 30.69 4.02 -13.72
C LYS A 576 31.48 4.90 -12.76
N TYR A 577 31.94 6.04 -13.27
CA TYR A 577 32.90 6.91 -12.57
C TYR A 577 32.58 7.08 -11.09
N LEU A 578 31.29 7.07 -10.74
CA LEU A 578 30.91 7.20 -9.34
C LEU A 578 31.65 6.18 -8.48
N LEU A 579 32.23 6.66 -7.39
CA LEU A 579 33.12 5.86 -6.56
C LEU A 579 32.58 5.82 -5.14
N PRO A 580 32.44 4.63 -4.53
CA PRO A 580 31.93 4.58 -3.15
C PRO A 580 32.83 5.32 -2.19
N LEU A 581 32.21 5.97 -1.20
CA LEU A 581 32.97 6.78 -0.26
C LEU A 581 33.99 5.94 0.50
N GLU A 582 33.74 4.63 0.65
CA GLU A 582 34.67 3.78 1.38
C GLU A 582 36.03 3.75 0.70
N GLN A 583 36.05 3.62 -0.63
CA GLN A 583 37.29 3.55 -1.38
C GLN A 583 37.85 4.92 -1.75
N TYR A 584 37.12 6.00 -1.46
CA TYR A 584 37.60 7.33 -1.79
C TYR A 584 38.79 7.71 -0.91
N GLN A 585 39.74 8.44 -1.49
CA GLN A 585 40.88 8.97 -0.77
C GLN A 585 41.07 10.44 -1.14
N PRO A 586 41.58 11.25 -0.22
CA PRO A 586 41.70 12.69 -0.48
C PRO A 586 42.64 12.95 -1.65
N PRO A 587 42.35 13.94 -2.48
CA PRO A 587 43.22 14.22 -3.63
C PRO A 587 44.60 14.69 -3.19
N GLU A 588 45.60 14.32 -3.96
CA GLU A 588 46.97 14.74 -3.67
C GLU A 588 47.13 16.22 -4.00
N PRO A 589 47.72 17.02 -3.12
CA PRO A 589 47.87 18.46 -3.42
C PRO A 589 48.73 18.67 -4.66
N SER A 590 48.35 19.67 -5.45
CA SER A 590 49.07 19.98 -6.67
C SER A 590 50.32 20.80 -6.37
N PRO A 591 51.35 20.72 -7.22
CA PRO A 591 52.55 21.54 -6.99
C PRO A 591 52.27 23.03 -6.99
N MET A 592 51.27 23.49 -7.75
CA MET A 592 51.03 24.92 -7.88
C MET A 592 50.69 25.55 -6.54
N GLU A 593 49.76 24.94 -5.80
CA GLU A 593 49.39 25.49 -4.50
C GLU A 593 50.55 25.42 -3.53
N ILE A 594 51.33 24.35 -3.58
CA ILE A 594 52.49 24.21 -2.69
C ILE A 594 53.48 25.34 -2.94
N LEU A 595 53.80 25.60 -4.21
CA LEU A 595 54.76 26.66 -4.50
C LEU A 595 54.19 28.04 -4.21
N GLN A 596 52.87 28.23 -4.37
CA GLN A 596 52.26 29.49 -3.98
C GLN A 596 52.39 29.72 -2.48
N LEU A 597 52.13 28.68 -1.68
CA LEU A 597 52.30 28.78 -0.24
C LEU A 597 53.75 29.08 0.12
N GLU A 598 54.69 28.42 -0.58
CA GLU A 598 56.10 28.69 -0.32
C GLU A 598 56.46 30.13 -0.65
N MET A 599 55.93 30.66 -1.75
CA MET A 599 56.19 32.05 -2.10
C MET A 599 55.62 33.01 -1.06
N THR A 600 54.41 32.73 -0.57
CA THR A 600 53.83 33.57 0.48
C THR A 600 54.68 33.53 1.74
N LYS A 601 55.14 32.33 2.12
CA LYS A 601 56.01 32.22 3.29
C LYS A 601 57.30 33.00 3.08
N ALA A 602 57.88 32.91 1.87
CA ALA A 602 59.09 33.66 1.59
C ALA A 602 58.84 35.16 1.68
N GLN A 603 57.71 35.63 1.18
CA GLN A 603 57.41 37.06 1.24
C GLN A 603 57.25 37.54 2.67
N VAL A 604 56.53 36.78 3.51
CA VAL A 604 56.38 37.20 4.90
C VAL A 604 57.73 37.17 5.61
N GLU A 605 58.56 36.15 5.31
CA GLU A 605 59.90 36.11 5.90
C GLU A 605 60.73 37.30 5.43
N ASN A 606 60.56 37.72 4.18
CA ASN A 606 61.27 38.90 3.69
C ASN A 606 60.82 40.15 4.43
N VAL A 607 59.52 40.26 4.72
CA VAL A 607 59.03 41.41 5.49
C VAL A 607 59.66 41.41 6.88
N GLN A 608 59.69 40.23 7.53
CA GLN A 608 60.32 40.14 8.84
C GLN A 608 61.79 40.50 8.76
N ALA A 609 62.48 40.05 7.71
CA ALA A 609 63.89 40.37 7.54
C ALA A 609 64.10 41.86 7.34
N SER A 610 63.19 42.52 6.62
CA SER A 610 63.29 43.96 6.44
C SER A 610 63.14 44.68 7.77
N SER A 611 62.19 44.25 8.60
CA SER A 611 62.06 44.85 9.93
C SER A 611 63.32 44.63 10.76
N GLN A 612 63.88 43.41 10.70
CA GLN A 612 65.10 43.12 11.42
C GLN A 612 66.25 43.99 10.94
N LYS A 613 66.33 44.21 9.63
CA LYS A 613 67.37 45.08 9.07
C LYS A 613 67.19 46.52 9.56
N MET A 614 65.94 46.98 9.62
CA MET A 614 65.68 48.33 10.12
C MET A 614 66.22 48.48 11.54
N ILE A 615 65.85 47.55 12.42
CA ILE A 615 66.29 47.66 13.81
C ILE A 615 67.80 47.52 13.91
N ALA A 616 68.37 46.61 13.11
CA ALA A 616 69.82 46.39 13.15
C ALA A 616 70.58 47.64 12.73
N ASP A 617 70.12 48.30 11.66
CA ASP A 617 70.80 49.52 11.22
C ASP A 617 70.60 50.66 12.21
N ALA A 618 69.45 50.71 12.88
CA ALA A 618 69.27 51.70 13.94
C ALA A 618 70.30 51.48 15.04
N PHE A 619 70.47 50.23 15.47
CA PHE A 619 71.46 49.93 16.50
C PHE A 619 72.87 50.26 16.00
N ASP A 620 73.17 49.96 14.74
CA ASP A 620 74.48 50.27 14.20
C ASP A 620 74.73 51.76 14.19
N GLN A 621 73.72 52.56 13.83
CA GLN A 621 73.87 54.01 13.86
C GLN A 621 74.13 54.50 15.27
N ARG A 622 73.40 53.96 16.26
CA ARG A 622 73.64 54.34 17.64
C ARG A 622 75.06 54.03 18.06
N GLU A 623 75.54 52.82 17.74
CA GLU A 623 76.89 52.43 18.10
C GLU A 623 77.92 53.32 17.41
N ARG A 624 77.71 53.64 16.14
CA ARG A 624 78.64 54.50 15.42
C ARG A 624 78.69 55.89 16.04
N THR A 625 77.54 56.43 16.42
CA THR A 625 77.53 57.74 17.07
C THR A 625 78.28 57.69 18.40
N THR A 626 78.06 56.64 19.19
CA THR A 626 78.77 56.51 20.45
C THR A 626 80.28 56.42 20.23
N PHE A 627 80.71 55.62 19.25
CA PHE A 627 82.13 55.50 18.97
C PHE A 627 82.71 56.83 18.50
N GLU A 628 81.96 57.57 17.67
CA GLU A 628 82.44 58.88 17.23
C GLU A 628 82.61 59.82 18.41
N GLN A 629 81.64 59.83 19.32
CA GLN A 629 81.77 60.69 20.50
C GLN A 629 83.00 60.30 21.33
N GLN A 630 83.19 59.00 21.55
CA GLN A 630 84.34 58.56 22.34
C GLN A 630 85.66 58.94 21.67
N LYS A 631 85.74 58.75 20.35
CA LYS A 631 86.96 59.10 19.63
C LYS A 631 87.21 60.60 19.66
N ALA A 632 86.15 61.40 19.54
CA ALA A 632 86.32 62.85 19.64
C ALA A 632 86.84 63.24 21.00
N ALA A 633 86.28 62.66 22.07
CA ALA A 633 86.76 62.97 23.41
C ALA A 633 88.22 62.57 23.58
N ASP A 634 88.60 61.39 23.09
CA ASP A 634 89.98 60.94 23.21
C ASP A 634 90.91 61.87 22.43
N GLU A 635 90.51 62.27 21.22
CA GLU A 635 91.35 63.17 20.43
C GLU A 635 91.51 64.51 21.12
N LEU A 636 90.43 65.03 21.70
CA LEU A 636 90.54 66.29 22.44
C LEU A 636 91.50 66.16 23.61
N SER A 637 91.40 65.05 24.36
CA SER A 637 92.31 64.84 25.48
C SER A 637 93.76 64.78 25.01
N LEU A 638 94.01 64.04 23.92
CA LEU A 638 95.37 63.93 23.39
C LEU A 638 95.89 65.29 22.94
N ARG A 639 95.04 66.08 22.27
CA ARG A 639 95.46 67.39 21.80
C ARG A 639 95.80 68.30 22.97
N GLN A 640 94.96 68.29 24.03
CA GLN A 640 95.27 69.09 25.20
C GLN A 640 96.58 68.65 25.85
N GLU A 641 96.80 67.34 25.97
CA GLU A 641 98.04 66.85 26.56
C GLU A 641 99.24 67.29 25.74
N GLU A 642 99.16 67.16 24.41
CA GLU A 642 100.28 67.55 23.56
C GLU A 642 100.54 69.05 23.66
N LEU A 643 99.47 69.85 23.68
CA LEU A 643 99.64 71.30 23.80
C LEU A 643 100.34 71.64 25.11
N GLN A 644 99.90 71.04 26.21
CA GLN A 644 100.54 71.32 27.50
C GLN A 644 101.99 70.88 27.49
N PHE A 645 102.28 69.71 26.93
CA PHE A 645 103.65 69.20 26.89
C PHE A 645 104.55 70.15 26.11
N LYS A 646 104.11 70.57 24.92
CA LYS A 646 104.96 71.44 24.11
C LYS A 646 105.09 72.83 24.74
N GLN A 647 104.04 73.33 25.39
CA GLN A 647 104.16 74.60 26.08
C GLN A 647 105.16 74.52 27.23
N GLU A 648 105.13 73.42 27.99
CA GLU A 648 106.10 73.24 29.07
C GLU A 648 107.52 73.16 28.51
N ASN A 649 107.70 72.44 27.40
CA ASN A 649 109.02 72.37 26.78
C ASN A 649 109.49 73.75 26.33
N ALA A 650 108.59 74.53 25.74
CA ALA A 650 108.94 75.88 25.31
C ALA A 650 109.33 76.75 26.50
N ALA A 651 108.59 76.64 27.61
CA ALA A 651 108.93 77.40 28.80
C ALA A 651 110.29 77.00 29.34
N ASP A 652 110.59 75.70 29.34
CA ASP A 652 111.90 75.24 29.79
C ASP A 652 113.00 75.77 28.90
N ALA A 653 112.79 75.75 27.59
CA ALA A 653 113.78 76.28 26.66
C ALA A 653 114.00 77.77 26.89
N MET A 654 112.92 78.52 27.11
CA MET A 654 113.04 79.94 27.38
C MET A 654 113.82 80.19 28.66
N THR A 655 113.61 79.40 29.69
CA THR A 655 114.32 79.65 30.98
C THR A 655 115.81 79.48 30.69
N LEU A 656 116.18 78.50 29.87
CA LEU A 656 117.61 78.20 29.62
C LEU A 656 118.20 79.33 28.80
N GLU A 657 117.39 79.89 27.93
CA GLU A 657 117.85 81.01 27.08
C GLU A 657 118.33 82.08 28.06
N ASN A 658 117.56 82.35 29.11
CA ASN A 658 117.87 83.42 30.10
C ASN A 658 119.08 83.00 30.94
N ARG A 659 119.13 81.72 31.31
CA ARG A 659 120.31 81.23 32.06
C ARG A 659 121.53 81.68 31.27
N LYS A 660 121.53 81.46 29.95
CA LYS A 660 122.75 81.80 29.17
C LYS A 660 122.88 83.32 29.14
N GLU A 661 121.76 84.04 29.05
CA GLU A 661 121.77 85.49 28.89
C GLU A 661 122.24 86.16 30.20
#